data_9BIS
#
_entry.id   9BIS
#
_cell.length_a   1.00
_cell.length_b   1.00
_cell.length_c   1.00
_cell.angle_alpha   90.00
_cell.angle_beta   90.00
_cell.angle_gamma   90.00
#
_symmetry.space_group_name_H-M   'P 1'
#
loop_
_entity.id
_entity.type
_entity.pdbx_description
1 polymer 'Solute carrier family 15 member 2'
2 polymer nanobody
3 non-polymer '2-{1-[2-AMINO-2-(4-HYDROXY-PHENYL)-ACETYLAMINO]-2-OXO-ETHYL}-5,5-DIMETHYL-THIAZOLIDINE-4-CARBOXYLIC ACID'
#
loop_
_entity_poly.entity_id
_entity_poly.type
_entity_poly.pdbx_seq_one_letter_code
_entity_poly.pdbx_strand_id
1 'polypeptide(L)'
;MNPFQKNESKETLFSPVSTEEMLPRPPSPPKKSPPKIFGSSYPVSIAFIVVNEFCERFSYYGMKAVLTLYFLYFLHWNED
TSTSVYHAFSSLCYFTPILGAAIADSWLGKFKTIIYLSLVYVLGHVFKSLGAIPILGGKMLHTILSLVGLSLIALGTGGI
KPCVAAFGGDQFEEEHAEARTRYFSVFYLAINAGSLISTFITPMLRGDVKCFGQDCYALAFGVPGLLMVLALVVFAMGSK
MYRKPPPEGNIVAQVIKCIWFALCNRFRNRSGDLPKRQHWLDWAAEKYPKHLIADVKALTRVLFLYIPLPMFWALLDQQG
SRWTLQANKMNGDLGFFVLQPDQMQVLNPFLVLIFIPLFDLVIYRLISKCRINFSSLRKMAVGMILACLAFAVAALVETK
INGMIHPQPASQEIFLQVLNLADGDVKVTVLGSRNNSLLVESVSSFQNTTHYSKLHLEAKSQDLHFHLKYNSLSVHNDHS
VEEKNCYQLLIHQDGESISSMLVKDTGIKPANGMAAIRFINTLHKDLNISLDTDAPLSVGKDYGVSAYRTVLRGKYPAVH
CETEDKVFSLDLGQLDFGTTYLFVITNITSQGLQAWKAEDIPVNKLSIAWQLPQYVLVTAAEVMFSVTGLEFSYSQAPSS
MKSVLQAAWLLTVAVGNIIVLVVAQFSGLAQWAEFVLFSCLLLVVCLIFSVMAYYYVPLKSEDTREATDKQIPAVQGNMI
NLETKNTRLVEGENLYFQ
;
A
2 'polypeptide(L)'
;GPSQVQLVESGGGLVQPGGSLRLLCVASGRPFNDYDMGWFRQAPGKEREFVASISWSGRVTDYSDSMKGRCTVSRDNAKG
TMFLQMSNLVPRDTAVYYCAAARRRWTFKATNTEEFYETWGQGTQVTVSSA
;
B
#
loop_
_chem_comp.id
_chem_comp.type
_chem_comp.name
_chem_comp.formula
AXL non-polymer '2-{1-[2-AMINO-2-(4-HYDROXY-PHENYL)-ACETYLAMINO]-2-OXO-ETHYL}-5,5-DIMETHYL-THIAZOLIDINE-4-CARBOXYLIC ACID' 'C16 H21 N3 O5 S'
#
# COMPACT_ATOMS: atom_id res chain seq x y z
N PHE A 38 23.21 26.26 -3.50
CA PHE A 38 23.87 27.37 -2.82
C PHE A 38 25.31 27.52 -3.30
N GLY A 39 26.15 26.54 -2.97
CA GLY A 39 27.54 26.58 -3.38
C GLY A 39 27.73 26.17 -4.82
N SER A 40 27.46 24.91 -5.13
CA SER A 40 27.57 24.42 -6.50
C SER A 40 27.14 22.94 -6.51
N SER A 41 26.95 22.43 -7.73
CA SER A 41 26.72 21.01 -7.96
C SER A 41 25.32 20.56 -7.56
N TYR A 42 24.53 21.45 -6.94
CA TYR A 42 23.17 21.14 -6.54
C TYR A 42 22.26 22.28 -6.98
N PRO A 43 21.53 22.12 -8.08
CA PRO A 43 20.70 23.21 -8.58
C PRO A 43 19.61 23.57 -7.58
N VAL A 44 19.24 24.85 -7.56
CA VAL A 44 18.16 25.29 -6.69
C VAL A 44 16.86 24.58 -7.07
N SER A 45 16.76 24.13 -8.31
CA SER A 45 15.50 23.57 -8.81
C SER A 45 15.01 22.42 -7.93
N ILE A 46 15.93 21.53 -7.53
CA ILE A 46 15.51 20.35 -6.78
C ILE A 46 14.86 20.73 -5.46
N ALA A 47 15.04 21.96 -5.00
CA ALA A 47 14.32 22.40 -3.80
C ALA A 47 12.82 22.24 -4.01
N PHE A 48 12.31 22.63 -5.17
CA PHE A 48 10.91 22.38 -5.51
C PHE A 48 10.78 21.07 -6.28
N ILE A 49 11.45 20.02 -5.82
CA ILE A 49 11.20 18.66 -6.33
C ILE A 49 11.03 17.65 -5.23
N VAL A 50 11.58 17.88 -4.04
CA VAL A 50 11.38 17.02 -2.89
C VAL A 50 10.31 17.59 -1.96
N VAL A 51 10.32 18.91 -1.76
CA VAL A 51 9.27 19.54 -0.97
C VAL A 51 7.91 19.22 -1.58
N ASN A 52 7.82 19.25 -2.91
CA ASN A 52 6.62 18.76 -3.58
C ASN A 52 6.38 17.29 -3.26
N GLU A 53 7.39 16.45 -3.48
CA GLU A 53 7.22 15.01 -3.27
C GLU A 53 6.75 14.73 -1.86
N PHE A 54 7.46 15.27 -0.86
CA PHE A 54 7.00 15.20 0.51
C PHE A 54 5.53 15.57 0.60
N CYS A 55 5.20 16.79 0.20
CA CYS A 55 3.83 17.28 0.35
C CYS A 55 2.84 16.37 -0.37
N GLU A 56 3.30 15.64 -1.38
CA GLU A 56 2.41 14.68 -2.04
C GLU A 56 2.27 13.43 -1.19
N ARG A 57 3.38 12.80 -0.82
CA ARG A 57 3.31 11.56 -0.04
C ARG A 57 2.46 11.76 1.20
N PHE A 58 2.74 12.83 1.96
CA PHE A 58 1.90 13.20 3.08
C PHE A 58 0.44 13.01 2.70
N SER A 59 -0.01 13.80 1.71
CA SER A 59 -1.41 13.76 1.33
C SER A 59 -1.86 12.32 1.05
N TYR A 60 -1.08 11.60 0.24
CA TYR A 60 -1.46 10.25 -0.11
C TYR A 60 -1.69 9.41 1.15
N TYR A 61 -0.71 9.41 2.05
CA TYR A 61 -0.85 8.58 3.24
C TYR A 61 -1.95 9.08 4.15
N GLY A 62 -2.30 10.37 4.06
CA GLY A 62 -3.42 10.87 4.82
C GLY A 62 -4.77 10.46 4.29
N MET A 63 -4.83 10.02 3.04
CA MET A 63 -6.07 9.58 2.43
C MET A 63 -6.26 8.07 2.53
N LYS A 64 -5.21 7.30 2.28
CA LYS A 64 -5.33 5.84 2.36
C LYS A 64 -5.63 5.38 3.79
N ALA A 65 -5.00 6.02 4.78
CA ALA A 65 -5.16 5.56 6.16
C ALA A 65 -6.63 5.54 6.57
N VAL A 66 -7.38 6.59 6.22
CA VAL A 66 -8.80 6.64 6.54
C VAL A 66 -9.66 5.91 5.52
N LEU A 67 -9.11 5.59 4.35
CA LEU A 67 -9.95 5.14 3.24
C LEU A 67 -10.86 3.99 3.64
N THR A 68 -10.27 2.93 4.21
CA THR A 68 -11.08 1.77 4.57
C THR A 68 -12.20 2.16 5.51
N LEU A 69 -11.88 2.94 6.55
CA LEU A 69 -12.91 3.36 7.49
C LEU A 69 -14.03 4.07 6.76
N TYR A 70 -13.68 4.93 5.80
CA TYR A 70 -14.70 5.65 5.04
C TYR A 70 -15.70 4.67 4.44
N PHE A 71 -15.22 3.57 3.87
CA PHE A 71 -16.12 2.58 3.31
C PHE A 71 -16.97 1.94 4.39
N LEU A 72 -16.37 1.61 5.53
CA LEU A 72 -17.08 0.81 6.53
C LEU A 72 -18.11 1.62 7.30
N TYR A 73 -17.78 2.85 7.68
CA TYR A 73 -18.58 3.59 8.64
C TYR A 73 -19.23 4.84 8.05
N PHE A 74 -18.99 5.15 6.79
CA PHE A 74 -19.73 6.21 6.09
C PHE A 74 -20.59 5.68 4.98
N LEU A 75 -20.00 4.92 4.04
CA LEU A 75 -20.78 4.26 3.00
C LEU A 75 -21.44 2.98 3.50
N HIS A 76 -21.01 2.46 4.65
CA HIS A 76 -21.62 1.28 5.25
C HIS A 76 -21.55 0.09 4.29
N TRP A 77 -20.34 -0.21 3.85
CA TRP A 77 -20.11 -1.29 2.90
C TRP A 77 -19.76 -2.58 3.61
N ASN A 78 -20.09 -3.69 2.95
CA ASN A 78 -19.63 -4.99 3.40
C ASN A 78 -18.13 -4.95 3.65
N GLU A 79 -17.67 -5.81 4.56
CA GLU A 79 -16.22 -5.92 4.78
C GLU A 79 -15.52 -6.42 3.51
N ASP A 80 -16.12 -7.42 2.85
CA ASP A 80 -15.52 -7.93 1.62
C ASP A 80 -15.46 -6.85 0.54
N THR A 81 -16.55 -6.12 0.37
CA THR A 81 -16.58 -5.07 -0.65
C THR A 81 -15.54 -3.99 -0.35
N SER A 82 -15.46 -3.58 0.92
CA SER A 82 -14.50 -2.55 1.30
C SER A 82 -13.07 -3.01 1.03
N THR A 83 -12.73 -4.22 1.46
CA THR A 83 -11.38 -4.72 1.24
C THR A 83 -11.08 -4.85 -0.25
N SER A 84 -12.03 -5.37 -1.02
CA SER A 84 -11.80 -5.55 -2.45
C SER A 84 -11.58 -4.21 -3.14
N VAL A 85 -12.41 -3.21 -2.81
CA VAL A 85 -12.27 -1.90 -3.45
C VAL A 85 -10.95 -1.27 -3.06
N TYR A 86 -10.57 -1.37 -1.78
CA TYR A 86 -9.30 -0.80 -1.33
C TYR A 86 -8.13 -1.45 -2.06
N HIS A 87 -8.15 -2.78 -2.19
CA HIS A 87 -7.06 -3.47 -2.87
C HIS A 87 -7.02 -3.14 -4.34
N ALA A 88 -8.19 -3.03 -4.98
CA ALA A 88 -8.21 -2.65 -6.40
C ALA A 88 -7.64 -1.25 -6.60
N PHE A 89 -8.01 -0.32 -5.73
CA PHE A 89 -7.46 1.03 -5.81
C PHE A 89 -5.94 1.01 -5.65
N SER A 90 -5.46 0.26 -4.66
CA SER A 90 -4.01 0.18 -4.44
C SER A 90 -3.31 -0.39 -5.67
N SER A 91 -3.84 -1.49 -6.22
CA SER A 91 -3.19 -2.13 -7.37
C SER A 91 -3.18 -1.20 -8.58
N LEU A 92 -4.29 -0.50 -8.83
CA LEU A 92 -4.32 0.44 -9.94
C LEU A 92 -3.29 1.55 -9.72
N CYS A 93 -3.15 2.01 -8.48
CA CYS A 93 -2.14 3.02 -8.18
C CYS A 93 -0.74 2.51 -8.49
N TYR A 94 -0.44 1.27 -8.11
CA TYR A 94 0.89 0.75 -8.38
C TYR A 94 1.12 0.52 -9.87
N PHE A 95 0.07 0.22 -10.63
CA PHE A 95 0.24 -0.12 -12.03
C PHE A 95 0.25 1.08 -12.97
N THR A 96 -0.46 2.15 -12.60
CA THR A 96 -0.62 3.36 -13.45
C THR A 96 0.74 3.95 -13.87
N PRO A 97 1.86 3.89 -13.10
CA PRO A 97 3.16 4.40 -13.58
C PRO A 97 3.54 4.04 -15.03
N ILE A 98 2.99 2.96 -15.62
CA ILE A 98 3.24 2.63 -17.01
C ILE A 98 2.59 3.65 -17.93
N LEU A 99 1.31 3.97 -17.68
CA LEU A 99 0.66 4.99 -18.48
C LEU A 99 1.30 6.35 -18.26
N GLY A 100 1.68 6.65 -17.02
CA GLY A 100 2.32 7.93 -16.76
C GLY A 100 3.58 8.12 -17.58
N ALA A 101 4.46 7.13 -17.57
CA ALA A 101 5.71 7.22 -18.30
C ALA A 101 5.48 7.20 -19.81
N ALA A 102 4.54 6.38 -20.28
CA ALA A 102 4.23 6.36 -21.70
C ALA A 102 3.78 7.74 -22.18
N ILE A 103 2.93 8.40 -21.40
CA ILE A 103 2.51 9.75 -21.75
C ILE A 103 3.68 10.71 -21.68
N ALA A 104 4.52 10.58 -20.64
CA ALA A 104 5.57 11.56 -20.41
C ALA A 104 6.62 11.54 -21.51
N ASP A 105 7.14 10.36 -21.85
CA ASP A 105 8.31 10.28 -22.72
C ASP A 105 7.96 10.27 -24.20
N SER A 106 6.86 9.64 -24.58
CA SER A 106 6.50 9.53 -25.98
C SER A 106 5.86 10.78 -26.54
N TRP A 107 5.49 11.73 -25.70
CA TRP A 107 4.68 12.87 -26.11
C TRP A 107 4.55 13.81 -24.92
N LEU A 108 4.36 15.09 -25.19
CA LEU A 108 4.05 16.08 -24.17
C LEU A 108 5.23 16.36 -23.24
N GLY A 109 6.34 15.63 -23.37
CA GLY A 109 7.46 15.81 -22.47
C GLY A 109 7.06 15.64 -21.02
N LYS A 110 8.00 15.83 -20.10
CA LYS A 110 7.70 15.87 -18.69
C LYS A 110 7.84 17.30 -18.18
N PHE A 111 7.27 17.54 -17.00
CA PHE A 111 6.90 18.83 -16.43
C PHE A 111 5.63 19.37 -17.08
N LYS A 112 5.14 18.77 -18.16
CA LYS A 112 3.79 19.00 -18.64
C LYS A 112 2.88 17.82 -18.41
N THR A 113 3.44 16.61 -18.38
CA THR A 113 2.69 15.48 -17.84
C THR A 113 2.58 15.57 -16.32
N ILE A 114 3.62 16.06 -15.65
CA ILE A 114 3.55 16.24 -14.20
C ILE A 114 2.48 17.27 -13.85
N ILE A 115 2.48 18.39 -14.55
CA ILE A 115 1.49 19.44 -14.26
C ILE A 115 0.09 18.93 -14.57
N TYR A 116 -0.11 18.34 -15.74
CA TYR A 116 -1.43 17.94 -16.18
C TYR A 116 -1.95 16.72 -15.44
N LEU A 117 -1.08 15.96 -14.80
CA LEU A 117 -1.52 14.84 -13.97
C LEU A 117 -1.68 15.24 -12.52
N SER A 118 -0.93 16.24 -12.04
CA SER A 118 -1.23 16.83 -10.75
C SER A 118 -2.58 17.52 -10.76
N LEU A 119 -2.95 18.14 -11.89
CA LEU A 119 -4.29 18.71 -12.01
C LEU A 119 -5.36 17.63 -11.87
N VAL A 120 -5.14 16.47 -12.51
CA VAL A 120 -6.10 15.37 -12.40
C VAL A 120 -6.12 14.85 -10.97
N TYR A 121 -4.96 14.78 -10.33
CA TYR A 121 -4.90 14.37 -8.93
C TYR A 121 -5.75 15.31 -8.06
N VAL A 122 -5.61 16.61 -8.27
CA VAL A 122 -6.36 17.58 -7.48
C VAL A 122 -7.85 17.46 -7.76
N LEU A 123 -8.21 17.22 -9.03
CA LEU A 123 -9.62 17.04 -9.36
C LEU A 123 -10.18 15.81 -8.67
N GLY A 124 -9.43 14.71 -8.66
CA GLY A 124 -9.87 13.53 -7.94
C GLY A 124 -10.02 13.77 -6.46
N HIS A 125 -9.09 14.54 -5.88
CA HIS A 125 -9.22 14.89 -4.46
C HIS A 125 -10.47 15.71 -4.22
N VAL A 126 -10.76 16.66 -5.11
CA VAL A 126 -11.96 17.48 -4.97
C VAL A 126 -13.21 16.59 -5.01
N PHE A 127 -13.26 15.68 -5.97
CA PHE A 127 -14.39 14.76 -6.04
C PHE A 127 -14.50 13.91 -4.78
N LYS A 128 -13.39 13.37 -4.31
CA LYS A 128 -13.42 12.49 -3.15
C LYS A 128 -13.90 13.22 -1.91
N SER A 129 -13.40 14.44 -1.68
CA SER A 129 -13.87 15.22 -0.55
C SER A 129 -15.27 15.76 -0.77
N LEU A 130 -15.70 15.91 -2.03
CA LEU A 130 -17.06 16.34 -2.32
C LEU A 130 -18.05 15.20 -2.13
N GLY A 131 -17.61 13.96 -2.28
CA GLY A 131 -18.47 12.82 -2.05
C GLY A 131 -18.61 12.41 -0.61
N ALA A 132 -17.80 12.97 0.28
CA ALA A 132 -17.87 12.68 1.70
C ALA A 132 -18.76 13.66 2.46
N ILE A 133 -19.37 14.62 1.78
CA ILE A 133 -20.30 15.54 2.41
C ILE A 133 -21.65 14.84 2.50
N PRO A 134 -22.21 14.65 3.70
CA PRO A 134 -23.51 13.96 3.82
C PRO A 134 -24.72 14.84 3.54
N ILE A 135 -24.54 16.02 2.96
CA ILE A 135 -25.64 16.95 2.75
C ILE A 135 -26.34 16.71 1.42
N LEU A 136 -25.58 16.53 0.34
CA LEU A 136 -26.13 16.39 -0.99
C LEU A 136 -26.13 14.93 -1.42
N GLY A 137 -27.27 14.46 -1.91
CA GLY A 137 -27.41 13.07 -2.32
C GLY A 137 -27.19 12.12 -1.18
N GLY A 138 -27.36 10.82 -1.42
CA GLY A 138 -27.05 9.84 -0.40
C GLY A 138 -27.01 8.41 -0.90
N LYS A 139 -25.91 7.73 -0.64
CA LYS A 139 -25.73 6.32 -0.98
C LYS A 139 -25.58 6.11 -2.49
N MET A 140 -25.81 7.16 -3.28
CA MET A 140 -25.62 7.10 -4.72
C MET A 140 -24.64 8.14 -5.20
N LEU A 141 -24.81 9.41 -4.81
CA LEU A 141 -23.82 10.42 -5.14
C LEU A 141 -22.53 10.18 -4.38
N HIS A 142 -22.62 9.73 -3.13
CA HIS A 142 -21.42 9.44 -2.37
C HIS A 142 -20.61 8.35 -3.06
N THR A 143 -21.25 7.25 -3.44
CA THR A 143 -20.53 6.14 -4.06
C THR A 143 -19.92 6.56 -5.39
N ILE A 144 -20.71 7.22 -6.25
CA ILE A 144 -20.21 7.60 -7.56
C ILE A 144 -19.05 8.56 -7.43
N LEU A 145 -19.21 9.60 -6.61
CA LEU A 145 -18.16 10.60 -6.46
C LEU A 145 -16.92 9.99 -5.84
N SER A 146 -17.06 9.11 -4.85
CA SER A 146 -15.90 8.48 -4.24
C SER A 146 -15.16 7.61 -5.24
N LEU A 147 -15.89 6.83 -6.03
CA LEU A 147 -15.23 5.96 -7.01
C LEU A 147 -14.52 6.77 -8.07
N VAL A 148 -15.16 7.83 -8.57
CA VAL A 148 -14.51 8.67 -9.59
C VAL A 148 -13.29 9.36 -9.01
N GLY A 149 -13.39 9.84 -7.77
CA GLY A 149 -12.24 10.47 -7.13
C GLY A 149 -11.10 9.50 -6.95
N LEU A 150 -11.40 8.26 -6.54
CA LEU A 150 -10.35 7.26 -6.40
C LEU A 150 -9.69 6.96 -7.73
N SER A 151 -10.48 6.84 -8.79
CA SER A 151 -9.91 6.58 -10.11
C SER A 151 -8.99 7.71 -10.54
N LEU A 152 -9.43 8.96 -10.36
CA LEU A 152 -8.62 10.10 -10.74
C LEU A 152 -7.36 10.19 -9.89
N ILE A 153 -7.46 9.89 -8.59
CA ILE A 153 -6.30 9.93 -7.72
C ILE A 153 -5.27 8.89 -8.16
N ALA A 154 -5.75 7.68 -8.49
CA ALA A 154 -4.82 6.66 -8.95
C ALA A 154 -4.15 7.09 -10.25
N LEU A 155 -4.93 7.65 -11.18
CA LEU A 155 -4.35 8.11 -12.44
C LEU A 155 -3.29 9.18 -12.20
N GLY A 156 -3.57 10.14 -11.33
CA GLY A 156 -2.60 11.19 -11.07
C GLY A 156 -1.34 10.66 -10.42
N THR A 157 -1.50 9.82 -9.38
CA THR A 157 -0.34 9.24 -8.73
C THR A 157 0.51 8.46 -9.72
N GLY A 158 -0.13 7.76 -10.63
CA GLY A 158 0.58 7.06 -11.69
C GLY A 158 0.96 7.96 -12.83
N GLY A 159 2.03 8.71 -12.65
CA GLY A 159 2.44 9.69 -13.62
C GLY A 159 3.01 10.88 -12.89
N ILE A 160 2.66 11.03 -11.63
CA ILE A 160 3.46 11.86 -10.75
C ILE A 160 4.60 11.05 -10.14
N LYS A 161 4.44 9.72 -10.01
CA LYS A 161 5.49 8.94 -9.34
C LYS A 161 6.77 8.85 -10.16
N PRO A 162 6.76 8.36 -11.41
CA PRO A 162 8.02 8.20 -12.14
C PRO A 162 8.55 9.49 -12.72
N CYS A 163 7.62 10.34 -13.17
CA CYS A 163 7.99 11.56 -13.86
C CYS A 163 8.73 12.52 -12.94
N VAL A 164 8.31 12.62 -11.67
CA VAL A 164 8.96 13.55 -10.76
C VAL A 164 10.41 13.12 -10.50
N ALA A 165 10.62 11.83 -10.27
CA ALA A 165 11.98 11.34 -10.07
C ALA A 165 12.84 11.55 -11.30
N ALA A 166 12.29 11.23 -12.48
CA ALA A 166 13.07 11.42 -13.71
C ALA A 166 13.40 12.88 -13.93
N PHE A 167 12.45 13.78 -13.62
CA PHE A 167 12.69 15.21 -13.79
C PHE A 167 13.79 15.69 -12.86
N GLY A 168 13.69 15.33 -11.57
CA GLY A 168 14.71 15.72 -10.63
C GLY A 168 16.08 15.21 -11.04
N GLY A 169 16.15 13.97 -11.54
CA GLY A 169 17.41 13.48 -12.07
C GLY A 169 17.88 14.28 -13.27
N ASP A 170 16.96 14.65 -14.15
CA ASP A 170 17.32 15.44 -15.33
C ASP A 170 17.93 16.78 -14.94
N GLN A 171 17.53 17.33 -13.79
CA GLN A 171 18.06 18.62 -13.40
C GLN A 171 19.58 18.61 -13.22
N PHE A 172 20.18 17.43 -13.05
CA PHE A 172 21.62 17.31 -12.83
C PHE A 172 22.34 17.00 -14.13
N GLU A 173 23.47 17.66 -14.35
CA GLU A 173 24.28 17.36 -15.52
C GLU A 173 24.78 15.93 -15.48
N GLU A 174 24.90 15.32 -16.66
CA GLU A 174 25.35 13.94 -16.73
C GLU A 174 26.74 13.77 -16.13
N GLU A 175 27.57 14.82 -16.18
CA GLU A 175 28.89 14.74 -15.57
C GLU A 175 28.79 14.54 -14.07
N HIS A 176 27.86 15.25 -13.41
CA HIS A 176 27.72 15.20 -11.96
C HIS A 176 26.87 13.98 -11.59
N ALA A 177 27.49 12.80 -11.76
CA ALA A 177 26.84 11.55 -11.40
C ALA A 177 26.87 11.30 -9.90
N GLU A 178 27.79 11.93 -9.17
CA GLU A 178 27.88 11.73 -7.73
C GLU A 178 26.80 12.49 -6.98
N ALA A 179 26.40 13.66 -7.49
CA ALA A 179 25.35 14.43 -6.83
C ALA A 179 23.96 13.86 -7.09
N ARG A 180 23.77 13.14 -8.19
CA ARG A 180 22.47 12.54 -8.47
C ARG A 180 22.13 11.48 -7.44
N THR A 181 23.12 10.70 -7.00
CA THR A 181 22.87 9.70 -5.98
C THR A 181 22.43 10.36 -4.67
N ARG A 182 23.07 11.46 -4.29
CA ARG A 182 22.66 12.18 -3.10
C ARG A 182 21.25 12.74 -3.28
N TYR A 183 20.93 13.25 -4.47
CA TYR A 183 19.58 13.73 -4.71
C TYR A 183 18.56 12.62 -4.53
N PHE A 184 18.85 11.43 -5.06
CA PHE A 184 17.91 10.33 -4.93
C PHE A 184 17.78 9.88 -3.48
N SER A 185 18.88 9.93 -2.73
CA SER A 185 18.80 9.65 -1.30
C SER A 185 17.88 10.64 -0.60
N VAL A 186 18.01 11.93 -0.93
CA VAL A 186 17.16 12.95 -0.32
C VAL A 186 15.71 12.77 -0.76
N PHE A 187 15.50 12.35 -2.00
CA PHE A 187 14.15 12.08 -2.49
C PHE A 187 13.49 10.97 -1.69
N TYR A 188 14.20 9.86 -1.50
CA TYR A 188 13.68 8.76 -0.70
C TYR A 188 13.47 9.20 0.75
N LEU A 189 14.38 10.04 1.27
CA LEU A 189 14.22 10.54 2.62
C LEU A 189 12.97 11.38 2.75
N ALA A 190 12.67 12.20 1.75
CA ALA A 190 11.45 13.00 1.77
C ALA A 190 10.21 12.12 1.74
N ILE A 191 10.23 11.09 0.90
CA ILE A 191 9.10 10.15 0.87
C ILE A 191 8.88 9.55 2.25
N ASN A 192 9.95 9.07 2.89
CA ASN A 192 9.80 8.40 4.18
C ASN A 192 9.40 9.38 5.28
N ALA A 193 9.93 10.60 5.24
CA ALA A 193 9.51 11.61 6.21
C ALA A 193 8.03 11.92 6.06
N GLY A 194 7.55 12.02 4.81
CA GLY A 194 6.13 12.20 4.61
C GLY A 194 5.31 11.05 5.18
N SER A 195 5.77 9.82 4.98
CA SER A 195 5.06 8.67 5.54
C SER A 195 5.00 8.74 7.05
N LEU A 196 6.14 9.02 7.69
CA LEU A 196 6.18 9.08 9.15
C LEU A 196 5.27 10.18 9.68
N ILE A 197 5.34 11.36 9.07
CA ILE A 197 4.52 12.48 9.56
C ILE A 197 3.05 12.18 9.35
N SER A 198 2.69 11.52 8.24
CA SER A 198 1.30 11.15 8.03
C SER A 198 0.83 10.18 9.10
N THR A 199 1.64 9.17 9.42
CA THR A 199 1.25 8.25 10.50
C THR A 199 1.04 9.00 11.81
N PHE A 200 1.91 9.97 12.10
CA PHE A 200 1.82 10.69 13.36
C PHE A 200 0.71 11.73 13.40
N ILE A 201 0.21 12.18 12.25
CA ILE A 201 -0.73 13.29 12.21
C ILE A 201 -2.14 12.88 11.80
N THR A 202 -2.31 11.84 10.99
CA THR A 202 -3.64 11.50 10.49
C THR A 202 -4.63 11.17 11.60
N PRO A 203 -4.29 10.46 12.68
CA PRO A 203 -5.33 10.15 13.68
C PRO A 203 -5.94 11.39 14.30
N MET A 204 -5.25 12.53 14.26
CA MET A 204 -5.80 13.75 14.86
C MET A 204 -6.95 14.31 14.02
N LEU A 205 -6.92 14.10 12.71
CA LEU A 205 -7.97 14.65 11.85
C LEU A 205 -9.30 13.93 12.03
N ARG A 206 -9.28 12.60 12.11
CA ARG A 206 -10.49 11.80 12.21
C ARG A 206 -10.88 11.49 13.65
N GLY A 207 -10.23 12.11 14.63
CA GLY A 207 -10.55 11.88 16.02
C GLY A 207 -11.49 12.91 16.60
N ASP A 208 -12.76 12.54 16.78
CA ASP A 208 -13.74 13.38 17.46
C ASP A 208 -13.92 14.73 16.75
N VAL A 209 -14.39 14.66 15.51
CA VAL A 209 -14.71 15.86 14.74
C VAL A 209 -16.07 15.64 14.08
N LYS A 210 -16.94 16.66 14.14
CA LYS A 210 -18.31 16.57 13.64
C LYS A 210 -18.46 17.53 12.47
N CYS A 211 -18.36 17.02 11.24
CA CYS A 211 -18.55 17.85 10.06
C CYS A 211 -19.97 18.41 10.00
N PHE A 212 -20.96 17.53 9.77
CA PHE A 212 -22.38 17.91 9.76
C PHE A 212 -23.12 16.85 10.56
N GLY A 213 -23.18 17.04 11.88
CA GLY A 213 -23.87 16.10 12.74
C GLY A 213 -23.34 14.69 12.74
N GLN A 214 -22.29 14.40 11.98
CA GLN A 214 -21.69 13.07 11.96
C GLN A 214 -20.18 13.22 11.92
N ASP A 215 -19.47 12.09 11.94
CA ASP A 215 -18.01 12.13 11.94
C ASP A 215 -17.51 12.89 10.73
N CYS A 216 -16.46 13.68 10.94
CA CYS A 216 -15.96 14.62 9.93
C CYS A 216 -15.04 13.86 8.96
N TYR A 217 -15.67 13.16 8.01
CA TYR A 217 -14.92 12.51 6.95
C TYR A 217 -14.57 13.46 5.82
N ALA A 218 -15.22 14.62 5.75
CA ALA A 218 -14.87 15.60 4.73
C ALA A 218 -13.48 16.18 4.99
N LEU A 219 -13.14 16.42 6.26
CA LEU A 219 -11.82 16.96 6.57
C LEU A 219 -10.72 15.96 6.27
N ALA A 220 -10.95 14.68 6.59
CA ALA A 220 -9.92 13.66 6.41
C ALA A 220 -9.44 13.61 4.97
N PHE A 221 -10.30 13.94 4.01
CA PHE A 221 -9.92 13.98 2.60
C PHE A 221 -9.60 15.39 2.13
N GLY A 222 -10.19 16.42 2.74
CA GLY A 222 -9.90 17.78 2.34
C GLY A 222 -8.47 18.18 2.66
N VAL A 223 -7.99 17.83 3.86
CA VAL A 223 -6.62 18.18 4.24
C VAL A 223 -5.61 17.58 3.26
N PRO A 224 -5.67 16.29 2.92
CA PRO A 224 -4.81 15.80 1.85
C PRO A 224 -5.00 16.53 0.53
N GLY A 225 -6.23 16.92 0.20
CA GLY A 225 -6.45 17.69 -1.01
C GLY A 225 -5.71 19.01 -0.99
N LEU A 226 -5.79 19.73 0.13
CA LEU A 226 -5.08 21.00 0.23
C LEU A 226 -3.57 20.78 0.20
N LEU A 227 -3.09 19.71 0.82
CA LEU A 227 -1.67 19.42 0.78
C LEU A 227 -1.21 19.16 -0.65
N MET A 228 -1.99 18.41 -1.42
CA MET A 228 -1.63 18.17 -2.82
C MET A 228 -1.68 19.46 -3.63
N VAL A 229 -2.65 20.32 -3.35
CA VAL A 229 -2.71 21.61 -4.03
C VAL A 229 -1.44 22.42 -3.76
N LEU A 230 -1.01 22.44 -2.50
CA LEU A 230 0.21 23.17 -2.16
C LEU A 230 1.44 22.53 -2.78
N ALA A 231 1.45 21.20 -2.87
CA ALA A 231 2.56 20.52 -3.56
C ALA A 231 2.63 20.95 -5.02
N LEU A 232 1.49 20.98 -5.68
CA LEU A 232 1.47 21.43 -7.08
C LEU A 232 1.92 22.88 -7.18
N VAL A 233 1.50 23.72 -6.24
CA VAL A 233 1.88 25.13 -6.27
C VAL A 233 3.39 25.27 -6.15
N VAL A 234 4.00 24.57 -5.19
CA VAL A 234 5.43 24.70 -4.99
C VAL A 234 6.19 24.14 -6.18
N PHE A 235 5.72 23.03 -6.75
CA PHE A 235 6.39 22.49 -7.92
C PHE A 235 6.32 23.44 -9.10
N ALA A 236 5.16 24.08 -9.31
CA ALA A 236 5.00 24.97 -10.44
C ALA A 236 5.75 26.29 -10.25
N MET A 237 5.97 26.69 -8.99
CA MET A 237 6.64 27.97 -8.75
C MET A 237 8.06 27.99 -9.29
N GLY A 238 8.69 26.83 -9.46
CA GLY A 238 10.05 26.77 -9.93
C GLY A 238 10.17 26.51 -11.42
N SER A 239 9.12 26.87 -12.17
CA SER A 239 9.11 26.58 -13.61
C SER A 239 10.26 27.27 -14.32
N LYS A 240 10.55 28.52 -13.96
CA LYS A 240 11.60 29.28 -14.62
C LYS A 240 12.99 28.73 -14.33
N MET A 241 13.13 27.84 -13.35
CA MET A 241 14.43 27.34 -12.94
C MET A 241 14.73 25.94 -13.45
N TYR A 242 13.72 25.19 -13.86
CA TYR A 242 13.93 23.81 -14.27
C TYR A 242 14.72 23.75 -15.57
N ARG A 243 15.01 22.53 -16.00
CA ARG A 243 15.78 22.25 -17.21
C ARG A 243 15.00 21.32 -18.13
N LYS A 244 13.74 21.68 -18.36
CA LYS A 244 12.80 20.88 -19.14
C LYS A 244 13.43 20.38 -20.44
N PRO A 245 13.69 19.09 -20.59
CA PRO A 245 14.15 18.56 -21.86
C PRO A 245 12.99 18.05 -22.69
N PRO A 246 12.97 18.28 -24.00
CA PRO A 246 11.84 17.83 -24.82
C PRO A 246 11.89 16.34 -25.04
N PRO A 247 10.76 15.72 -25.38
CA PRO A 247 10.78 14.30 -25.76
C PRO A 247 11.46 14.09 -27.10
N GLU A 248 11.93 12.86 -27.30
CA GLU A 248 12.65 12.51 -28.52
C GLU A 248 11.77 11.85 -29.58
N GLY A 249 10.45 11.87 -29.38
CA GLY A 249 9.50 11.34 -30.34
C GLY A 249 8.63 10.29 -29.71
N ASN A 250 7.86 9.60 -30.54
CA ASN A 250 6.99 8.53 -30.06
C ASN A 250 7.84 7.32 -29.72
N ILE A 251 8.61 7.41 -28.63
CA ILE A 251 9.60 6.38 -28.33
C ILE A 251 8.94 5.05 -28.05
N VAL A 252 7.77 5.06 -27.40
CA VAL A 252 7.10 3.80 -27.09
C VAL A 252 6.67 3.09 -28.37
N ALA A 253 6.09 3.84 -29.31
CA ALA A 253 5.67 3.24 -30.56
C ALA A 253 6.86 2.71 -31.35
N GLN A 254 7.94 3.48 -31.42
CA GLN A 254 9.13 3.03 -32.13
C GLN A 254 9.71 1.79 -31.48
N VAL A 255 9.74 1.74 -30.14
CA VAL A 255 10.29 0.59 -29.45
C VAL A 255 9.46 -0.65 -29.74
N ILE A 256 8.14 -0.52 -29.65
CA ILE A 256 7.28 -1.68 -29.89
C ILE A 256 7.42 -2.16 -31.33
N LYS A 257 7.46 -1.22 -32.29
CA LYS A 257 7.60 -1.61 -33.68
C LYS A 257 8.95 -2.28 -33.94
N CYS A 258 10.02 -1.78 -33.32
CA CYS A 258 11.33 -2.38 -33.49
C CYS A 258 11.36 -3.80 -32.94
N ILE A 259 10.79 -4.01 -31.75
CA ILE A 259 10.74 -5.35 -31.18
C ILE A 259 9.91 -6.27 -32.07
N TRP A 260 8.78 -5.76 -32.57
CA TRP A 260 7.93 -6.58 -33.44
C TRP A 260 8.67 -7.01 -34.69
N PHE A 261 9.37 -6.07 -35.33
CA PHE A 261 10.12 -6.42 -36.54
C PHE A 261 11.24 -7.40 -36.22
N ALA A 262 11.94 -7.19 -35.10
CA ALA A 262 13.02 -8.11 -34.74
C ALA A 262 12.50 -9.52 -34.56
N LEU A 263 11.35 -9.68 -33.89
CA LEU A 263 10.81 -11.01 -33.68
C LEU A 263 10.24 -11.59 -34.97
N CYS A 264 9.71 -10.75 -35.86
CA CYS A 264 9.13 -11.25 -37.10
C CYS A 264 10.18 -11.66 -38.11
N ASN A 265 11.34 -11.00 -38.11
CA ASN A 265 12.35 -11.27 -39.15
C ASN A 265 12.84 -12.71 -39.07
N ARG A 266 13.02 -13.24 -37.86
CA ARG A 266 13.60 -14.58 -37.72
C ARG A 266 12.72 -15.68 -38.32
N PHE A 267 11.42 -15.42 -38.50
CA PHE A 267 10.51 -16.50 -38.86
C PHE A 267 10.73 -16.94 -40.30
N ARG A 268 11.91 -17.50 -40.58
CA ARG A 268 12.22 -18.09 -41.88
C ARG A 268 12.05 -19.60 -41.74
N ASN A 269 10.79 -20.04 -41.75
CA ASN A 269 10.49 -21.44 -41.49
C ASN A 269 11.14 -22.36 -42.53
N ARG A 270 11.06 -21.97 -43.81
CA ARG A 270 11.60 -22.78 -44.90
C ARG A 270 12.81 -22.12 -45.56
N SER A 271 13.45 -21.17 -44.87
CA SER A 271 14.59 -20.45 -45.43
C SER A 271 15.34 -19.82 -44.27
N GLY A 272 16.27 -18.92 -44.58
CA GLY A 272 17.00 -18.18 -43.57
C GLY A 272 18.49 -18.39 -43.63
N ASP A 273 19.24 -17.30 -43.81
CA ASP A 273 20.69 -17.33 -43.79
C ASP A 273 21.31 -16.32 -42.83
N LEU A 274 20.60 -15.27 -42.45
CA LEU A 274 21.09 -14.29 -41.47
C LEU A 274 19.90 -13.67 -40.76
N PRO A 275 19.13 -14.45 -39.99
CA PRO A 275 17.92 -13.90 -39.35
C PRO A 275 18.23 -12.74 -38.42
N LYS A 276 19.01 -13.01 -37.37
CA LYS A 276 19.59 -11.95 -36.55
C LYS A 276 20.73 -12.58 -35.75
N ARG A 277 21.96 -12.19 -36.07
CA ARG A 277 23.14 -12.77 -35.46
C ARG A 277 23.79 -11.77 -34.52
N GLN A 278 24.35 -12.27 -33.43
CA GLN A 278 25.01 -11.55 -32.35
C GLN A 278 23.99 -10.86 -31.44
N HIS A 279 22.71 -10.87 -31.76
CA HIS A 279 21.66 -10.34 -30.88
C HIS A 279 20.32 -10.58 -31.57
N TRP A 280 19.25 -10.50 -30.78
CA TRP A 280 17.91 -10.63 -31.30
C TRP A 280 17.33 -9.30 -31.77
N LEU A 281 18.19 -8.30 -31.99
CA LEU A 281 17.77 -7.02 -32.54
C LEU A 281 18.64 -6.53 -33.67
N ASP A 282 19.81 -7.14 -33.90
CA ASP A 282 20.77 -6.57 -34.84
C ASP A 282 20.23 -6.57 -36.26
N TRP A 283 19.37 -7.52 -36.62
CA TRP A 283 18.80 -7.57 -37.96
C TRP A 283 17.38 -7.02 -38.02
N ALA A 284 16.93 -6.36 -36.96
CA ALA A 284 15.86 -5.37 -37.09
C ALA A 284 16.47 -3.98 -37.29
N ALA A 285 17.42 -3.91 -38.24
CA ALA A 285 18.24 -2.73 -38.44
C ALA A 285 18.11 -2.14 -39.84
N GLU A 286 17.53 -2.88 -40.79
CA GLU A 286 17.23 -2.28 -42.08
C GLU A 286 16.43 -1.00 -41.90
N LYS A 287 15.51 -1.01 -40.94
CA LYS A 287 14.80 0.18 -40.48
C LYS A 287 15.27 0.49 -39.05
N TYR A 288 14.68 1.51 -38.45
CA TYR A 288 14.97 1.79 -37.05
C TYR A 288 16.47 2.03 -36.85
N PRO A 289 16.97 3.21 -37.23
CA PRO A 289 18.42 3.43 -37.19
C PRO A 289 19.08 3.05 -35.87
N LYS A 290 20.41 2.99 -35.88
CA LYS A 290 21.14 2.36 -34.78
C LYS A 290 20.87 3.04 -33.45
N HIS A 291 20.64 4.36 -33.46
CA HIS A 291 20.41 5.07 -32.19
C HIS A 291 19.20 4.52 -31.46
N LEU A 292 18.22 3.98 -32.20
CA LEU A 292 17.04 3.40 -31.57
C LEU A 292 17.28 1.94 -31.17
N ILE A 293 18.04 1.20 -31.98
CA ILE A 293 18.36 -0.18 -31.64
C ILE A 293 19.14 -0.22 -30.33
N ALA A 294 20.10 0.68 -30.16
CA ALA A 294 20.89 0.70 -28.93
C ALA A 294 20.00 1.00 -27.72
N ASP A 295 19.08 1.96 -27.86
CA ASP A 295 18.21 2.31 -26.75
C ASP A 295 17.29 1.15 -26.38
N VAL A 296 16.70 0.49 -27.37
CA VAL A 296 15.83 -0.64 -27.07
C VAL A 296 16.64 -1.80 -26.49
N LYS A 297 17.88 -1.97 -26.96
CA LYS A 297 18.76 -2.99 -26.37
C LYS A 297 18.97 -2.73 -24.89
N ALA A 298 19.31 -1.48 -24.54
CA ALA A 298 19.51 -1.15 -23.13
C ALA A 298 18.23 -1.38 -22.33
N LEU A 299 17.09 -0.98 -22.89
CA LEU A 299 15.82 -1.18 -22.19
C LEU A 299 15.59 -2.67 -21.91
N THR A 300 15.79 -3.51 -22.93
CA THR A 300 15.55 -4.94 -22.76
C THR A 300 16.53 -5.55 -21.77
N ARG A 301 17.79 -5.11 -21.79
CA ARG A 301 18.76 -5.62 -20.82
C ARG A 301 18.33 -5.30 -19.40
N VAL A 302 17.90 -4.05 -19.17
CA VAL A 302 17.50 -3.66 -17.82
C VAL A 302 16.24 -4.42 -17.40
N LEU A 303 15.31 -4.64 -18.34
CA LEU A 303 14.11 -5.40 -18.00
C LEU A 303 14.45 -6.84 -17.63
N PHE A 304 15.35 -7.46 -18.39
CA PHE A 304 15.77 -8.82 -18.06
C PHE A 304 16.42 -8.85 -16.68
N LEU A 305 17.20 -7.82 -16.34
CA LEU A 305 17.78 -7.73 -15.01
C LEU A 305 16.69 -7.62 -13.95
N TYR A 306 15.68 -6.78 -14.20
CA TYR A 306 14.62 -6.53 -13.23
C TYR A 306 13.62 -7.67 -13.11
N ILE A 307 13.68 -8.66 -13.99
CA ILE A 307 12.70 -9.76 -13.95
C ILE A 307 12.48 -10.31 -12.55
N PRO A 308 13.51 -10.60 -11.75
CA PRO A 308 13.29 -11.30 -10.47
C PRO A 308 12.92 -10.41 -9.30
N LEU A 309 12.81 -9.10 -9.49
CA LEU A 309 12.58 -8.17 -8.38
C LEU A 309 11.17 -8.26 -7.81
N PRO A 310 10.15 -8.61 -8.59
CA PRO A 310 8.81 -8.75 -7.99
C PRO A 310 8.76 -9.75 -6.86
N MET A 311 9.49 -10.86 -6.98
CA MET A 311 9.51 -11.84 -5.89
C MET A 311 10.14 -11.25 -4.64
N PHE A 312 11.24 -10.50 -4.81
CA PHE A 312 11.87 -9.85 -3.66
C PHE A 312 10.91 -8.86 -3.01
N TRP A 313 10.23 -8.05 -3.81
CA TRP A 313 9.29 -7.08 -3.25
C TRP A 313 8.18 -7.79 -2.49
N ALA A 314 7.66 -8.89 -3.05
CA ALA A 314 6.60 -9.63 -2.38
C ALA A 314 7.08 -10.21 -1.06
N LEU A 315 8.26 -10.83 -1.06
CA LEU A 315 8.77 -11.44 0.17
C LEU A 315 9.04 -10.38 1.24
N LEU A 316 9.67 -9.28 0.86
CA LEU A 316 9.99 -8.24 1.82
C LEU A 316 8.74 -7.49 2.27
N ASP A 317 7.66 -7.53 1.50
CA ASP A 317 6.41 -6.91 1.94
C ASP A 317 5.75 -7.72 3.03
N GLN A 318 6.06 -9.02 3.13
CA GLN A 318 5.41 -9.87 4.11
C GLN A 318 6.12 -9.79 5.45
N GLN A 319 6.29 -8.56 5.96
CA GLN A 319 6.84 -8.35 7.28
C GLN A 319 6.07 -7.32 8.10
N GLY A 320 5.14 -6.58 7.49
CA GLY A 320 4.27 -5.71 8.25
C GLY A 320 3.06 -6.39 8.84
N SER A 321 2.83 -7.66 8.51
CA SER A 321 1.70 -8.42 9.01
C SER A 321 2.11 -9.56 9.92
N ARG A 322 3.12 -10.34 9.53
CA ARG A 322 3.56 -11.45 10.37
C ARG A 322 4.27 -10.94 11.61
N TRP A 323 5.00 -9.84 11.48
CA TRP A 323 5.73 -9.32 12.63
C TRP A 323 4.78 -8.73 13.67
N THR A 324 3.59 -8.29 13.26
CA THR A 324 2.57 -7.95 14.26
C THR A 324 2.16 -9.17 15.05
N LEU A 325 1.98 -10.30 14.38
CA LEU A 325 1.63 -11.53 15.06
C LEU A 325 2.73 -11.94 16.02
N GLN A 326 4.00 -11.75 15.62
CA GLN A 326 5.10 -12.04 16.52
C GLN A 326 5.11 -11.08 17.71
N ALA A 327 4.84 -9.79 17.46
CA ALA A 327 4.87 -8.80 18.54
C ALA A 327 3.76 -9.03 19.55
N ASN A 328 2.60 -9.48 19.10
CA ASN A 328 1.49 -9.73 20.01
C ASN A 328 1.85 -10.77 21.06
N LYS A 329 2.86 -11.61 20.78
CA LYS A 329 3.22 -12.71 21.66
C LYS A 329 4.45 -12.40 22.51
N MET A 330 4.82 -11.13 22.66
CA MET A 330 5.98 -10.75 23.45
C MET A 330 5.66 -9.52 24.27
N ASN A 331 6.38 -9.37 25.38
CA ASN A 331 6.15 -8.27 26.30
C ASN A 331 6.48 -6.93 25.65
N GLY A 332 5.73 -5.90 26.04
CA GLY A 332 5.93 -4.58 25.47
C GLY A 332 5.83 -3.45 26.47
N ASP A 333 6.06 -3.73 27.76
CA ASP A 333 6.04 -2.67 28.76
C ASP A 333 7.28 -1.79 28.64
N LEU A 334 8.45 -2.40 28.48
CA LEU A 334 9.71 -1.68 28.34
C LEU A 334 10.05 -0.86 29.58
N GLY A 335 9.27 -1.02 30.65
CA GLY A 335 9.54 -0.30 31.88
C GLY A 335 9.12 1.15 31.84
N PHE A 336 9.51 1.86 30.78
CA PHE A 336 9.26 3.30 30.65
C PHE A 336 7.93 3.62 30.01
N PHE A 337 7.67 3.08 28.81
CA PHE A 337 6.51 3.45 28.02
C PHE A 337 5.88 2.19 27.45
N VAL A 338 4.59 2.02 27.67
CA VAL A 338 3.88 0.84 27.18
C VAL A 338 3.71 0.95 25.67
N LEU A 339 4.32 0.01 24.95
CA LEU A 339 4.35 0.03 23.49
C LEU A 339 3.43 -1.06 22.96
N GLN A 340 2.42 -0.67 22.18
CA GLN A 340 1.53 -1.63 21.57
C GLN A 340 2.19 -2.25 20.34
N PRO A 341 1.79 -3.48 19.96
CA PRO A 341 2.40 -4.10 18.78
C PRO A 341 2.23 -3.29 17.51
N ASP A 342 1.03 -2.75 17.26
CA ASP A 342 0.80 -2.03 16.01
C ASP A 342 1.73 -0.84 15.88
N GLN A 343 1.93 -0.09 16.96
CA GLN A 343 2.80 1.07 16.90
C GLN A 343 4.20 0.70 16.42
N MET A 344 4.60 -0.56 16.58
CA MET A 344 5.94 -0.96 16.16
C MET A 344 6.16 -0.69 14.67
N GLN A 345 5.10 -0.66 13.86
CA GLN A 345 5.26 -0.32 12.46
C GLN A 345 6.00 1.00 12.28
N VAL A 346 5.66 2.01 13.08
CA VAL A 346 6.29 3.31 12.93
C VAL A 346 7.79 3.26 13.11
N LEU A 347 8.33 2.13 13.58
CA LEU A 347 9.77 2.01 13.76
C LEU A 347 10.50 1.77 12.44
N ASN A 348 9.80 1.36 11.39
CA ASN A 348 10.49 1.16 10.12
C ASN A 348 10.73 2.48 9.41
N PRO A 349 9.71 3.32 9.20
CA PRO A 349 10.00 4.63 8.58
C PRO A 349 11.02 5.42 9.36
N PHE A 350 10.86 5.50 10.68
CA PHE A 350 11.79 6.26 11.51
C PHE A 350 13.23 5.79 11.28
N LEU A 351 13.46 4.49 11.36
CA LEU A 351 14.81 3.98 11.18
C LEU A 351 15.36 4.38 9.81
N VAL A 352 14.51 4.40 8.79
CA VAL A 352 14.98 4.81 7.47
C VAL A 352 15.53 6.22 7.54
N LEU A 353 14.83 7.12 8.22
CA LEU A 353 15.30 8.49 8.34
C LEU A 353 16.71 8.54 8.94
N ILE A 354 17.07 7.55 9.73
CA ILE A 354 18.39 7.54 10.36
C ILE A 354 19.43 6.88 9.46
N PHE A 355 19.03 5.97 8.57
CA PHE A 355 20.00 5.22 7.79
C PHE A 355 20.31 5.87 6.45
N ILE A 356 19.36 6.57 5.85
CA ILE A 356 19.63 7.26 4.59
C ILE A 356 20.77 8.25 4.73
N PRO A 357 20.82 9.09 5.75
CA PRO A 357 21.98 9.98 5.91
C PRO A 357 23.17 9.26 6.53
N LEU A 358 22.92 8.27 7.38
CA LEU A 358 24.01 7.54 8.00
C LEU A 358 24.85 6.81 6.95
N PHE A 359 24.19 6.04 6.10
CA PHE A 359 24.91 5.29 5.07
C PHE A 359 25.64 6.25 4.13
N ASP A 360 24.86 7.03 3.38
CA ASP A 360 25.41 7.83 2.30
C ASP A 360 26.58 8.69 2.78
N LEU A 361 26.41 9.36 3.92
CA LEU A 361 27.44 10.27 4.39
C LEU A 361 28.61 9.54 5.03
N VAL A 362 28.39 8.35 5.60
CA VAL A 362 29.45 7.73 6.40
C VAL A 362 29.84 6.37 5.84
N ILE A 363 28.92 5.41 5.88
CA ILE A 363 29.29 4.02 5.57
C ILE A 363 29.86 3.94 4.16
N TYR A 364 29.13 4.45 3.17
CA TYR A 364 29.64 4.45 1.81
C TYR A 364 30.98 5.16 1.74
N ARG A 365 31.10 6.30 2.43
CA ARG A 365 32.38 7.02 2.45
C ARG A 365 33.49 6.10 2.93
N LEU A 366 33.24 5.35 4.01
CA LEU A 366 34.27 4.44 4.50
C LEU A 366 34.57 3.36 3.47
N ILE A 367 33.54 2.89 2.76
CA ILE A 367 33.78 1.88 1.73
C ILE A 367 34.71 2.43 0.66
N SER A 368 34.71 3.75 0.47
CA SER A 368 35.59 4.35 -0.52
C SER A 368 37.02 4.52 -0.03
N LYS A 369 37.27 4.37 1.27
CA LYS A 369 38.64 4.48 1.77
C LYS A 369 39.53 3.40 1.17
N CYS A 370 39.02 2.18 1.09
CA CYS A 370 39.74 1.08 0.46
C CYS A 370 39.29 0.95 -1.00
N ARG A 371 39.88 -0.02 -1.70
CA ARG A 371 39.59 -0.19 -3.12
C ARG A 371 38.19 -0.73 -3.37
N ILE A 372 37.46 -1.14 -2.33
CA ILE A 372 36.12 -1.67 -2.52
C ILE A 372 35.31 -0.68 -3.34
N ASN A 373 34.67 -1.18 -4.40
CA ASN A 373 33.93 -0.36 -5.35
C ASN A 373 32.51 -0.92 -5.46
N PHE A 374 31.61 -0.41 -4.62
CA PHE A 374 30.19 -0.75 -4.70
C PHE A 374 29.62 -0.09 -5.95
N SER A 375 29.27 -0.89 -6.95
CA SER A 375 28.95 -0.40 -8.29
C SER A 375 27.44 -0.32 -8.53
N SER A 376 26.65 -0.05 -7.49
CA SER A 376 25.21 0.10 -7.54
C SER A 376 24.49 -1.20 -7.85
N LEU A 377 25.21 -2.28 -8.14
CA LEU A 377 24.64 -3.61 -8.27
C LEU A 377 25.07 -4.55 -7.16
N ARG A 378 26.26 -4.35 -6.61
CA ARG A 378 26.63 -5.02 -5.38
C ARG A 378 25.83 -4.48 -4.20
N LYS A 379 25.47 -3.19 -4.25
CA LYS A 379 24.63 -2.62 -3.21
C LYS A 379 23.28 -3.33 -3.13
N MET A 380 22.66 -3.58 -4.28
CA MET A 380 21.35 -4.24 -4.30
C MET A 380 21.46 -5.69 -3.84
N ALA A 381 22.50 -6.41 -4.26
CA ALA A 381 22.69 -7.78 -3.80
C ALA A 381 22.91 -7.83 -2.30
N VAL A 382 23.71 -6.90 -1.78
CA VAL A 382 23.95 -6.87 -0.34
C VAL A 382 22.67 -6.52 0.40
N GLY A 383 21.84 -5.64 -0.17
CA GLY A 383 20.57 -5.35 0.44
C GLY A 383 19.66 -6.56 0.51
N MET A 384 19.62 -7.35 -0.57
CA MET A 384 18.83 -8.57 -0.56
C MET A 384 19.35 -9.55 0.47
N ILE A 385 20.67 -9.66 0.59
CA ILE A 385 21.25 -10.54 1.60
C ILE A 385 20.88 -10.06 3.01
N LEU A 386 20.90 -8.75 3.23
CA LEU A 386 20.52 -8.22 4.52
C LEU A 386 19.07 -8.52 4.84
N ALA A 387 18.18 -8.41 3.85
CA ALA A 387 16.79 -8.76 4.08
C ALA A 387 16.63 -10.24 4.42
N CYS A 388 17.37 -11.11 3.72
CA CYS A 388 17.34 -12.53 4.05
C CYS A 388 17.80 -12.78 5.48
N LEU A 389 18.88 -12.11 5.89
CA LEU A 389 19.35 -12.26 7.27
C LEU A 389 18.33 -11.73 8.26
N ALA A 390 17.63 -10.65 7.91
CA ALA A 390 16.60 -10.12 8.79
C ALA A 390 15.50 -11.14 9.01
N PHE A 391 15.07 -11.82 7.93
CA PHE A 391 14.01 -12.81 8.10
C PHE A 391 14.50 -14.04 8.85
N ALA A 392 15.76 -14.43 8.64
CA ALA A 392 16.32 -15.51 9.45
C ALA A 392 16.33 -15.15 10.93
N VAL A 393 16.71 -13.91 11.25
CA VAL A 393 16.71 -13.46 12.64
C VAL A 393 15.29 -13.43 13.19
N ALA A 394 14.31 -13.06 12.36
CA ALA A 394 12.93 -13.09 12.79
C ALA A 394 12.50 -14.51 13.12
N ALA A 395 12.90 -15.48 12.31
CA ALA A 395 12.60 -16.87 12.61
C ALA A 395 13.24 -17.30 13.92
N LEU A 396 14.49 -16.87 14.15
CA LEU A 396 15.15 -17.21 15.41
C LEU A 396 14.41 -16.62 16.60
N VAL A 397 13.96 -15.37 16.48
CA VAL A 397 13.23 -14.74 17.56
C VAL A 397 11.91 -15.45 17.79
N GLU A 398 11.25 -15.90 16.72
CA GLU A 398 10.01 -16.65 16.88
C GLU A 398 10.26 -17.96 17.61
N THR A 399 11.35 -18.65 17.28
CA THR A 399 11.70 -19.88 17.99
C THR A 399 11.93 -19.59 19.47
N LYS A 400 12.66 -18.50 19.76
CA LYS A 400 12.90 -18.13 21.16
C LYS A 400 11.60 -17.83 21.89
N ILE A 401 10.67 -17.14 21.22
CA ILE A 401 9.37 -16.89 21.82
C ILE A 401 8.66 -18.20 22.13
N ASN A 402 8.66 -19.12 21.15
CA ASN A 402 7.96 -20.39 21.34
C ASN A 402 8.56 -21.18 22.50
N GLY A 403 9.87 -21.12 22.67
CA GLY A 403 10.49 -21.83 23.78
C GLY A 403 10.21 -21.20 25.13
N MET A 404 8.93 -21.10 25.50
CA MET A 404 8.51 -20.46 26.74
C MET A 404 8.09 -21.53 27.74
N ILE A 405 8.40 -21.28 29.01
CA ILE A 405 8.05 -22.19 30.10
C ILE A 405 7.91 -21.38 31.37
N HIS A 406 6.91 -21.74 32.19
CA HIS A 406 6.67 -21.05 33.44
C HIS A 406 7.71 -21.46 34.49
N PRO A 407 7.91 -20.64 35.53
CA PRO A 407 8.86 -20.99 36.59
C PRO A 407 8.35 -22.12 37.48
N GLU A 599 -1.46 -13.15 38.33
CA GLU A 599 -1.37 -13.77 37.01
C GLU A 599 0.03 -14.30 36.75
N ASP A 600 0.13 -15.55 36.35
CA ASP A 600 1.43 -16.15 36.07
C ASP A 600 2.09 -15.44 34.88
N ILE A 601 3.41 -15.28 34.97
CA ILE A 601 4.19 -14.58 33.97
C ILE A 601 5.26 -15.54 33.45
N PRO A 602 5.49 -15.65 32.15
CA PRO A 602 6.59 -16.48 31.66
C PRO A 602 7.93 -15.80 31.94
N VAL A 603 8.84 -16.55 32.55
CA VAL A 603 10.16 -16.00 32.88
C VAL A 603 10.91 -15.65 31.59
N ASN A 604 10.89 -16.56 30.62
CA ASN A 604 11.58 -16.36 29.35
C ASN A 604 10.62 -15.80 28.31
N LYS A 605 10.02 -14.65 28.64
CA LYS A 605 9.15 -13.92 27.72
C LYS A 605 9.93 -12.74 27.16
N LEU A 606 10.09 -12.71 25.84
CA LEU A 606 10.86 -11.65 25.22
C LEU A 606 10.15 -10.31 25.34
N SER A 607 10.93 -9.26 25.58
CA SER A 607 10.41 -7.91 25.50
C SER A 607 10.14 -7.55 24.05
N ILE A 608 9.48 -6.41 23.84
CA ILE A 608 9.31 -5.93 22.47
C ILE A 608 10.66 -5.69 21.82
N ALA A 609 11.72 -5.52 22.61
CA ALA A 609 13.06 -5.59 22.09
C ALA A 609 13.33 -7.00 21.58
N TRP A 610 14.49 -7.19 20.96
CA TRP A 610 14.83 -8.41 20.23
C TRP A 610 14.07 -8.42 18.91
N GLN A 611 13.15 -7.49 18.73
CA GLN A 611 12.62 -7.14 17.42
C GLN A 611 13.39 -5.99 16.79
N LEU A 612 14.30 -5.37 17.56
CA LEU A 612 15.14 -4.32 16.98
C LEU A 612 16.11 -4.87 15.95
N PRO A 613 16.84 -5.96 16.20
CA PRO A 613 17.83 -6.40 15.19
C PRO A 613 17.22 -6.68 13.83
N GLN A 614 16.05 -7.30 13.79
CA GLN A 614 15.44 -7.60 12.50
C GLN A 614 14.94 -6.34 11.82
N TYR A 615 14.39 -5.40 12.59
CA TYR A 615 13.96 -4.14 11.99
C TYR A 615 15.16 -3.38 11.42
N VAL A 616 16.27 -3.37 12.15
CA VAL A 616 17.48 -2.70 11.67
C VAL A 616 17.97 -3.35 10.39
N LEU A 617 18.03 -4.68 10.37
CA LEU A 617 18.56 -5.38 9.20
C LEU A 617 17.66 -5.15 7.98
N VAL A 618 16.35 -5.32 8.15
CA VAL A 618 15.45 -5.16 7.02
C VAL A 618 15.44 -3.71 6.55
N THR A 619 15.57 -2.76 7.47
CA THR A 619 15.58 -1.35 7.05
C THR A 619 16.84 -1.02 6.28
N ALA A 620 18.00 -1.52 6.72
CA ALA A 620 19.21 -1.32 5.95
C ALA A 620 19.08 -1.95 4.56
N ALA A 621 18.51 -3.16 4.49
CA ALA A 621 18.31 -3.80 3.20
C ALA A 621 17.42 -2.95 2.31
N GLU A 622 16.31 -2.46 2.85
CA GLU A 622 15.38 -1.68 2.05
C GLU A 622 16.02 -0.39 1.56
N VAL A 623 16.77 0.30 2.42
CA VAL A 623 17.44 1.52 1.99
C VAL A 623 18.41 1.22 0.85
N MET A 624 19.31 0.25 1.09
CA MET A 624 20.34 -0.04 0.09
C MET A 624 19.73 -0.46 -1.23
N PHE A 625 18.64 -1.23 -1.18
CA PHE A 625 18.02 -1.69 -2.42
C PHE A 625 17.28 -0.57 -3.12
N SER A 626 16.41 0.15 -2.40
CA SER A 626 15.53 1.10 -3.06
C SER A 626 16.29 2.30 -3.60
N VAL A 627 17.14 2.93 -2.77
CA VAL A 627 17.84 4.13 -3.25
C VAL A 627 18.74 3.79 -4.43
N THR A 628 19.50 2.70 -4.28
CA THR A 628 20.38 2.27 -5.35
C THR A 628 19.59 1.88 -6.59
N GLY A 629 18.40 1.31 -6.43
CA GLY A 629 17.59 0.96 -7.59
C GLY A 629 17.10 2.18 -8.33
N LEU A 630 16.67 3.20 -7.61
CA LEU A 630 16.29 4.45 -8.27
C LEU A 630 17.46 5.01 -9.07
N GLU A 631 18.63 5.10 -8.44
CA GLU A 631 19.79 5.65 -9.13
C GLU A 631 20.18 4.79 -10.33
N PHE A 632 20.14 3.48 -10.18
CA PHE A 632 20.49 2.57 -11.27
C PHE A 632 19.51 2.69 -12.43
N SER A 633 18.21 2.78 -12.13
CA SER A 633 17.22 2.92 -13.17
C SER A 633 17.42 4.21 -13.94
N TYR A 634 17.75 5.30 -13.25
CA TYR A 634 17.98 6.56 -13.97
C TYR A 634 19.26 6.49 -14.79
N SER A 635 20.35 6.02 -14.18
CA SER A 635 21.66 6.12 -14.81
C SER A 635 21.76 5.21 -16.04
N GLN A 636 21.13 4.04 -15.98
CA GLN A 636 21.22 3.04 -17.05
C GLN A 636 20.04 3.10 -18.00
N ALA A 637 19.49 4.29 -18.23
CA ALA A 637 18.34 4.48 -19.10
C ALA A 637 18.71 5.42 -20.24
N PRO A 638 18.42 5.08 -21.49
CA PRO A 638 18.71 6.00 -22.58
C PRO A 638 17.99 7.32 -22.40
N SER A 639 18.64 8.40 -22.83
CA SER A 639 18.06 9.72 -22.65
C SER A 639 16.65 9.80 -23.21
N SER A 640 16.40 9.11 -24.33
CA SER A 640 15.10 9.18 -24.97
C SER A 640 14.00 8.62 -24.08
N MET A 641 14.33 7.69 -23.19
CA MET A 641 13.35 6.97 -22.38
C MET A 641 13.80 6.93 -20.93
N LYS A 642 14.18 8.09 -20.39
CA LYS A 642 14.67 8.14 -19.01
C LYS A 642 13.59 7.74 -18.03
N SER A 643 12.34 8.11 -18.29
CA SER A 643 11.26 7.94 -17.33
C SER A 643 10.46 6.66 -17.52
N VAL A 644 10.85 5.79 -18.45
CA VAL A 644 10.20 4.49 -18.56
C VAL A 644 10.92 3.43 -17.72
N LEU A 645 12.20 3.64 -17.41
CA LEU A 645 12.88 2.72 -16.50
C LEU A 645 12.37 2.91 -15.07
N GLN A 646 12.04 4.14 -14.69
CA GLN A 646 11.36 4.35 -13.42
C GLN A 646 10.00 3.65 -13.42
N ALA A 647 9.31 3.69 -14.55
CA ALA A 647 8.06 2.96 -14.68
C ALA A 647 8.28 1.46 -14.52
N ALA A 648 9.39 0.94 -15.07
CA ALA A 648 9.69 -0.48 -14.90
C ALA A 648 9.96 -0.82 -13.44
N TRP A 649 10.68 0.05 -12.73
CA TRP A 649 10.90 -0.14 -11.30
C TRP A 649 9.57 -0.22 -10.55
N LEU A 650 8.71 0.77 -10.76
CA LEU A 650 7.42 0.79 -10.08
C LEU A 650 6.55 -0.38 -10.52
N LEU A 651 6.74 -0.87 -11.75
CA LEU A 651 5.96 -2.00 -12.23
C LEU A 651 6.40 -3.29 -11.55
N THR A 652 7.71 -3.44 -11.31
CA THR A 652 8.18 -4.56 -10.50
C THR A 652 7.57 -4.50 -9.10
N VAL A 653 7.52 -3.29 -8.52
CA VAL A 653 6.87 -3.15 -7.21
C VAL A 653 5.42 -3.58 -7.29
N ALA A 654 4.71 -3.16 -8.34
CA ALA A 654 3.30 -3.49 -8.48
C ALA A 654 3.08 -4.99 -8.62
N VAL A 655 3.91 -5.66 -9.42
CA VAL A 655 3.76 -7.10 -9.60
C VAL A 655 4.09 -7.82 -8.29
N GLY A 656 5.07 -7.32 -7.55
CA GLY A 656 5.33 -7.89 -6.23
C GLY A 656 4.14 -7.78 -5.31
N ASN A 657 3.48 -6.62 -5.32
CA ASN A 657 2.27 -6.46 -4.51
C ASN A 657 1.18 -7.41 -4.95
N ILE A 658 1.04 -7.61 -6.27
CA ILE A 658 0.04 -8.55 -6.77
C ILE A 658 0.35 -9.96 -6.28
N ILE A 659 1.62 -10.35 -6.31
CA ILE A 659 2.00 -11.67 -5.80
C ILE A 659 1.68 -11.78 -4.32
N VAL A 660 1.92 -10.71 -3.57
CA VAL A 660 1.58 -10.70 -2.15
C VAL A 660 0.09 -10.96 -1.96
N LEU A 661 -0.73 -10.27 -2.75
CA LEU A 661 -2.17 -10.46 -2.66
C LEU A 661 -2.56 -11.90 -2.98
N VAL A 662 -1.97 -12.46 -4.02
CA VAL A 662 -2.34 -13.82 -4.43
C VAL A 662 -1.96 -14.83 -3.35
N VAL A 663 -0.76 -14.70 -2.78
CA VAL A 663 -0.27 -15.70 -1.83
C VAL A 663 -0.67 -15.40 -0.40
N ALA A 664 -1.35 -14.28 -0.14
CA ALA A 664 -1.77 -13.98 1.22
C ALA A 664 -2.76 -15.03 1.74
N GLN A 665 -3.69 -15.45 0.89
CA GLN A 665 -4.72 -16.39 1.34
C GLN A 665 -4.12 -17.72 1.75
N PHE A 666 -3.11 -18.20 1.02
CA PHE A 666 -2.48 -19.49 1.30
C PHE A 666 -1.62 -19.35 2.55
N SER A 667 -2.25 -19.52 3.71
CA SER A 667 -1.59 -19.42 5.00
C SER A 667 -1.98 -20.65 5.83
N GLY A 668 -1.06 -21.62 5.91
CA GLY A 668 -1.31 -22.82 6.69
C GLY A 668 -0.07 -23.34 7.37
N LEU A 669 0.94 -22.50 7.54
CA LEU A 669 2.22 -22.88 8.12
C LEU A 669 2.46 -22.14 9.43
N ALA A 670 3.34 -22.71 10.24
CA ALA A 670 3.70 -22.08 11.50
C ALA A 670 4.51 -20.81 11.24
N GLN A 671 4.53 -19.93 12.24
CA GLN A 671 5.21 -18.65 12.08
C GLN A 671 6.70 -18.85 11.80
N TRP A 672 7.37 -19.69 12.60
CA TRP A 672 8.80 -19.88 12.42
C TRP A 672 9.11 -20.53 11.08
N ALA A 673 8.31 -21.54 10.69
CA ALA A 673 8.53 -22.18 9.40
C ALA A 673 8.27 -21.20 8.27
N GLU A 674 7.26 -20.34 8.41
CA GLU A 674 7.01 -19.33 7.39
C GLU A 674 8.19 -18.38 7.27
N PHE A 675 8.75 -17.95 8.41
CA PHE A 675 9.88 -17.03 8.36
C PHE A 675 11.11 -17.68 7.73
N VAL A 676 11.39 -18.93 8.08
CA VAL A 676 12.56 -19.59 7.50
C VAL A 676 12.34 -19.82 6.00
N LEU A 677 11.10 -20.12 5.59
CA LEU A 677 10.81 -20.26 4.17
C LEU A 677 11.01 -18.94 3.44
N PHE A 678 10.56 -17.83 4.03
CA PHE A 678 10.78 -16.53 3.41
C PHE A 678 12.25 -16.21 3.31
N SER A 679 13.03 -16.53 4.35
CA SER A 679 14.46 -16.28 4.30
C SER A 679 15.12 -17.10 3.19
N CYS A 680 14.77 -18.37 3.07
CA CYS A 680 15.34 -19.20 2.01
C CYS A 680 14.96 -18.69 0.63
N LEU A 681 13.70 -18.29 0.45
CA LEU A 681 13.27 -17.74 -0.82
C LEU A 681 14.02 -16.47 -1.14
N LEU A 682 14.23 -15.60 -0.15
CA LEU A 682 14.99 -14.38 -0.38
C LEU A 682 16.42 -14.71 -0.77
N LEU A 683 17.02 -15.71 -0.14
CA LEU A 683 18.38 -16.10 -0.49
C LEU A 683 18.45 -16.59 -1.93
N VAL A 684 17.48 -17.41 -2.34
CA VAL A 684 17.49 -17.93 -3.71
C VAL A 684 17.28 -16.80 -4.71
N VAL A 685 16.37 -15.88 -4.39
CA VAL A 685 16.12 -14.75 -5.29
C VAL A 685 17.37 -13.89 -5.41
N CYS A 686 18.06 -13.66 -4.29
CA CYS A 686 19.30 -12.89 -4.34
C CYS A 686 20.36 -13.60 -5.17
N LEU A 687 20.44 -14.94 -5.05
CA LEU A 687 21.39 -15.69 -5.86
C LEU A 687 21.10 -15.52 -7.34
N ILE A 688 19.82 -15.64 -7.71
CA ILE A 688 19.46 -15.48 -9.13
C ILE A 688 19.78 -14.07 -9.61
N PHE A 689 19.43 -13.07 -8.80
CA PHE A 689 19.68 -11.68 -9.20
C PHE A 689 21.17 -11.43 -9.36
N SER A 690 21.99 -11.96 -8.45
CA SER A 690 23.44 -11.78 -8.55
C SER A 690 23.99 -12.46 -9.79
N VAL A 691 23.53 -13.69 -10.08
CA VAL A 691 24.02 -14.37 -11.27
C VAL A 691 23.62 -13.61 -12.53
N MET A 692 22.45 -12.98 -12.52
CA MET A 692 22.02 -12.21 -13.68
C MET A 692 22.75 -10.87 -13.79
N ALA A 693 23.09 -10.25 -12.65
CA ALA A 693 23.79 -8.98 -12.67
C ALA A 693 25.27 -9.14 -12.99
N TYR A 694 25.84 -10.32 -12.72
CA TYR A 694 27.23 -10.54 -13.08
C TYR A 694 27.43 -10.46 -14.59
N TYR A 695 26.45 -10.93 -15.36
CA TYR A 695 26.53 -10.93 -16.81
C TYR A 695 25.92 -9.68 -17.44
N TYR A 696 25.40 -8.76 -16.64
CA TYR A 696 24.81 -7.54 -17.17
C TYR A 696 25.90 -6.68 -17.80
N VAL A 697 25.61 -6.13 -18.98
CA VAL A 697 26.54 -5.27 -19.70
C VAL A 697 26.04 -3.83 -19.55
N PRO A 698 26.73 -2.96 -18.80
CA PRO A 698 26.19 -1.64 -18.52
C PRO A 698 26.10 -0.77 -19.77
N LEU A 699 25.15 0.16 -19.74
CA LEU A 699 25.04 1.15 -20.80
C LEU A 699 26.25 2.07 -20.78
N LYS A 700 26.75 2.40 -21.96
CA LYS A 700 27.91 3.29 -22.07
C LYS A 700 27.70 4.30 -23.19
N GLN B 6 -27.98 -20.00 7.98
CA GLN B 6 -29.39 -20.14 7.65
C GLN B 6 -30.16 -20.71 8.84
N LEU B 7 -31.47 -20.47 8.86
CA LEU B 7 -32.32 -20.84 9.99
C LEU B 7 -31.80 -20.23 11.28
N VAL B 8 -31.77 -18.89 11.29
CA VAL B 8 -31.32 -18.16 12.47
C VAL B 8 -32.42 -18.19 13.53
N GLU B 9 -32.02 -17.97 14.78
CA GLU B 9 -32.93 -17.97 15.91
C GLU B 9 -32.61 -16.77 16.81
N SER B 10 -33.35 -16.64 17.91
CA SER B 10 -33.16 -15.55 18.84
C SER B 10 -33.64 -15.99 20.22
N GLY B 11 -33.11 -15.32 21.25
CA GLY B 11 -33.51 -15.62 22.61
C GLY B 11 -33.38 -14.45 23.58
N GLY B 12 -34.46 -14.13 24.26
CA GLY B 12 -34.47 -13.01 25.19
C GLY B 12 -35.86 -12.80 25.73
N GLY B 13 -35.94 -12.06 26.82
CA GLY B 13 -37.19 -11.85 27.52
C GLY B 13 -37.24 -10.51 28.23
N LEU B 14 -38.07 -10.44 29.28
CA LEU B 14 -38.27 -9.20 30.01
C LEU B 14 -37.03 -8.83 30.79
N VAL B 15 -36.82 -7.52 30.95
CA VAL B 15 -35.69 -6.97 31.71
C VAL B 15 -36.21 -5.86 32.62
N GLN B 16 -35.41 -5.55 33.62
CA GLN B 16 -35.72 -4.44 34.51
C GLN B 16 -35.60 -3.12 33.75
N PRO B 17 -36.23 -2.05 34.26
CA PRO B 17 -36.21 -0.79 33.52
C PRO B 17 -34.81 -0.29 33.19
N GLY B 18 -33.84 -0.50 34.09
CA GLY B 18 -32.48 -0.08 33.84
C GLY B 18 -31.50 -1.23 33.85
N GLY B 19 -31.96 -2.40 33.45
CA GLY B 19 -31.16 -3.61 33.49
C GLY B 19 -30.40 -3.86 32.21
N SER B 20 -30.24 -5.15 31.89
CA SER B 20 -29.48 -5.55 30.71
C SER B 20 -30.01 -6.90 30.23
N LEU B 21 -29.74 -7.19 28.96
CA LEU B 21 -30.04 -8.49 28.38
C LEU B 21 -28.87 -8.95 27.54
N ARG B 22 -28.89 -10.22 27.18
CA ARG B 22 -27.87 -10.82 26.32
C ARG B 22 -28.62 -11.67 25.29
N LEU B 23 -29.00 -11.04 24.18
CA LEU B 23 -29.77 -11.73 23.15
C LEU B 23 -28.87 -12.65 22.33
N LEU B 24 -29.44 -13.78 21.91
CA LEU B 24 -28.73 -14.83 21.21
C LEU B 24 -29.13 -14.87 19.75
N CYS B 25 -28.28 -15.53 18.95
CA CYS B 25 -28.61 -15.86 17.56
C CYS B 25 -27.76 -17.04 17.17
N VAL B 26 -28.40 -18.18 16.90
CA VAL B 26 -27.71 -19.43 16.59
C VAL B 26 -28.08 -19.85 15.18
N ALA B 27 -27.07 -20.19 14.38
CA ALA B 27 -27.27 -20.66 13.01
C ALA B 27 -27.27 -22.18 12.99
N SER B 28 -28.27 -22.76 12.33
CA SER B 28 -28.46 -24.21 12.33
C SER B 28 -28.38 -24.75 10.92
N GLY B 29 -27.33 -24.38 10.20
CA GLY B 29 -27.20 -24.72 8.80
C GLY B 29 -25.81 -24.42 8.26
N ARG B 30 -25.74 -23.79 7.09
CA ARG B 30 -24.47 -23.48 6.45
C ARG B 30 -23.51 -22.84 7.45
N PRO B 31 -22.20 -22.87 7.18
CA PRO B 31 -21.24 -22.40 8.19
C PRO B 31 -21.49 -20.95 8.58
N PHE B 32 -21.24 -20.65 9.86
CA PHE B 32 -21.39 -19.31 10.38
C PHE B 32 -20.30 -18.35 9.90
N ASN B 33 -19.25 -18.87 9.26
CA ASN B 33 -18.17 -18.01 8.78
C ASN B 33 -18.53 -17.29 7.49
N ASP B 34 -19.59 -17.71 6.80
CA ASP B 34 -19.96 -17.15 5.51
C ASP B 34 -21.03 -16.07 5.63
N TYR B 35 -21.43 -15.70 6.84
CA TYR B 35 -22.60 -14.85 7.04
C TYR B 35 -22.24 -13.61 7.85
N ASP B 36 -22.58 -12.44 7.29
CA ASP B 36 -22.56 -11.18 8.03
C ASP B 36 -23.92 -11.00 8.70
N MET B 37 -23.90 -10.68 9.99
CA MET B 37 -25.10 -10.71 10.80
C MET B 37 -25.48 -9.31 11.23
N GLY B 38 -26.75 -9.13 11.55
CA GLY B 38 -27.26 -7.84 11.97
C GLY B 38 -28.43 -8.00 12.91
N TRP B 39 -28.57 -7.03 13.82
CA TRP B 39 -29.66 -6.97 14.77
C TRP B 39 -30.53 -5.77 14.40
N PHE B 40 -31.83 -6.02 14.22
CA PHE B 40 -32.83 -4.99 13.96
C PHE B 40 -33.86 -4.99 15.07
N ARG B 41 -34.72 -3.98 15.07
CA ARG B 41 -35.81 -3.91 16.04
C ARG B 41 -37.04 -3.33 15.37
N GLN B 42 -38.21 -3.78 15.83
CA GLN B 42 -39.50 -3.36 15.28
C GLN B 42 -40.40 -2.97 16.46
N ALA B 43 -40.36 -1.71 16.84
CA ALA B 43 -41.21 -1.26 17.93
C ALA B 43 -42.68 -1.37 17.53
N PRO B 44 -43.57 -1.58 18.50
CA PRO B 44 -45.00 -1.73 18.16
C PRO B 44 -45.50 -0.52 17.39
N GLY B 45 -46.15 -0.79 16.26
CA GLY B 45 -46.64 0.29 15.42
C GLY B 45 -45.55 1.19 14.88
N LYS B 46 -44.44 0.59 14.45
CA LYS B 46 -43.31 1.35 13.92
C LYS B 46 -42.70 0.55 12.79
N GLU B 47 -41.55 1.00 12.30
CA GLU B 47 -40.81 0.32 11.24
C GLU B 47 -39.65 -0.46 11.83
N ARG B 48 -38.98 -1.23 10.99
CA ARG B 48 -37.84 -2.05 11.41
C ARG B 48 -36.59 -1.17 11.41
N GLU B 49 -36.12 -0.83 12.60
CA GLU B 49 -34.93 -0.01 12.74
C GLU B 49 -33.68 -0.88 12.84
N PHE B 50 -32.54 -0.24 12.66
CA PHE B 50 -31.24 -0.91 12.72
C PHE B 50 -30.68 -0.77 14.12
N VAL B 51 -30.16 -1.87 14.67
CA VAL B 51 -29.61 -1.89 16.01
C VAL B 51 -28.11 -2.13 16.00
N ALA B 52 -27.65 -3.15 15.27
CA ALA B 52 -26.23 -3.44 15.23
C ALA B 52 -25.91 -4.30 14.02
N SER B 53 -24.63 -4.41 13.72
CA SER B 53 -24.16 -5.26 12.63
C SER B 53 -22.76 -5.76 12.96
N ILE B 54 -22.52 -7.04 12.70
CA ILE B 54 -21.23 -7.68 12.94
C ILE B 54 -20.86 -8.45 11.68
N SER B 55 -19.68 -8.17 11.15
CA SER B 55 -19.24 -8.78 9.90
C SER B 55 -18.70 -10.18 10.15
N TRP B 56 -18.54 -10.93 9.06
CA TRP B 56 -17.91 -12.25 9.16
C TRP B 56 -16.54 -12.12 9.81
N SER B 57 -16.26 -13.01 10.74
CA SER B 57 -15.08 -13.01 11.60
C SER B 57 -15.19 -11.98 12.72
N GLY B 58 -16.24 -11.16 12.74
CA GLY B 58 -16.41 -10.19 13.80
C GLY B 58 -15.37 -9.10 13.84
N ARG B 59 -14.55 -8.96 12.80
CA ARG B 59 -13.52 -7.94 12.80
C ARG B 59 -14.11 -6.55 12.72
N VAL B 60 -15.30 -6.41 12.12
CA VAL B 60 -15.97 -5.13 11.95
C VAL B 60 -17.29 -5.18 12.68
N THR B 61 -17.53 -4.21 13.55
CA THR B 61 -18.77 -4.12 14.32
C THR B 61 -19.25 -2.68 14.28
N ASP B 62 -20.53 -2.48 13.98
CA ASP B 62 -21.12 -1.16 13.90
C ASP B 62 -22.44 -1.15 14.66
N TYR B 63 -22.78 0.01 15.22
CA TYR B 63 -23.98 0.17 16.03
C TYR B 63 -24.76 1.39 15.56
N SER B 64 -26.08 1.33 15.69
CA SER B 64 -26.93 2.42 15.25
C SER B 64 -26.58 3.69 16.00
N ASP B 65 -27.08 4.81 15.49
CA ASP B 65 -26.83 6.10 16.15
C ASP B 65 -27.42 6.10 17.55
N SER B 66 -28.64 5.56 17.71
CA SER B 66 -29.25 5.49 19.03
C SER B 66 -28.38 4.69 19.99
N MET B 67 -28.19 3.42 19.70
CA MET B 67 -27.39 2.51 20.54
C MET B 67 -27.66 2.80 22.02
N LYS B 68 -28.94 2.69 22.38
CA LYS B 68 -29.38 2.99 23.74
C LYS B 68 -28.44 2.39 24.76
N GLY B 69 -27.85 3.23 25.58
CA GLY B 69 -26.80 2.77 26.47
C GLY B 69 -25.59 2.35 25.65
N ARG B 70 -25.10 1.15 25.91
CA ARG B 70 -24.00 0.57 25.14
C ARG B 70 -24.43 -0.80 24.67
N CYS B 71 -24.39 -1.00 23.35
CA CYS B 71 -24.69 -2.29 22.73
C CYS B 71 -23.38 -2.86 22.20
N THR B 72 -23.14 -4.14 22.47
CA THR B 72 -21.95 -4.82 21.99
C THR B 72 -22.36 -6.11 21.31
N VAL B 73 -21.84 -6.34 20.11
CA VAL B 73 -22.13 -7.52 19.32
C VAL B 73 -20.88 -8.38 19.26
N SER B 74 -21.04 -9.67 19.55
CA SER B 74 -19.95 -10.63 19.46
C SER B 74 -20.45 -11.84 18.68
N ARG B 75 -19.52 -12.64 18.19
CA ARG B 75 -19.90 -13.85 17.48
C ARG B 75 -18.75 -14.84 17.50
N ASP B 76 -19.07 -16.11 17.71
CA ASP B 76 -18.14 -17.21 17.50
C ASP B 76 -18.67 -18.10 16.38
N ASN B 77 -17.82 -18.37 15.41
CA ASN B 77 -18.22 -19.18 14.27
C ASN B 77 -18.25 -20.66 14.62
N ALA B 78 -17.38 -21.09 15.53
CA ALA B 78 -17.47 -22.43 16.08
C ALA B 78 -18.76 -22.55 16.89
N LYS B 79 -19.63 -23.45 16.47
CA LYS B 79 -21.00 -23.62 16.97
C LYS B 79 -21.92 -22.57 16.39
N GLY B 80 -21.42 -21.59 15.64
CA GLY B 80 -22.23 -20.58 15.00
C GLY B 80 -23.21 -19.91 15.94
N THR B 81 -22.69 -19.13 16.89
CA THR B 81 -23.56 -18.44 17.84
C THR B 81 -23.05 -17.02 18.05
N MET B 82 -23.99 -16.04 17.99
CA MET B 82 -23.72 -14.57 18.04
C MET B 82 -24.50 -13.96 19.21
N PHE B 83 -23.95 -12.99 19.92
CA PHE B 83 -24.53 -12.36 21.10
C PHE B 83 -24.66 -10.86 20.88
N LEU B 84 -25.70 -10.29 21.47
CA LEU B 84 -25.85 -8.85 21.62
C LEU B 84 -26.03 -8.53 23.09
N GLN B 85 -25.23 -7.59 23.60
CA GLN B 85 -25.19 -7.27 25.03
C GLN B 85 -25.55 -5.80 25.23
N MET B 86 -26.84 -5.53 25.39
CA MET B 86 -27.29 -4.19 25.79
C MET B 86 -27.18 -4.05 27.30
N SER B 87 -26.93 -2.82 27.75
CA SER B 87 -26.52 -2.62 29.15
C SER B 87 -27.36 -1.59 29.90
N ASN B 88 -27.77 -0.51 29.27
CA ASN B 88 -28.37 0.64 29.96
C ASN B 88 -29.73 0.94 29.34
N LEU B 89 -30.59 -0.07 29.31
CA LEU B 89 -31.88 0.07 28.67
C LEU B 89 -32.73 1.13 29.36
N VAL B 90 -33.69 1.67 28.61
CA VAL B 90 -34.62 2.68 29.09
C VAL B 90 -36.02 2.17 28.75
N PRO B 91 -37.06 2.65 29.45
CA PRO B 91 -38.42 2.27 29.06
C PRO B 91 -38.68 2.26 27.56
N ARG B 92 -37.91 3.02 26.79
CA ARG B 92 -37.99 2.98 25.34
C ARG B 92 -37.37 1.66 24.86
N ASP B 93 -37.25 1.49 23.54
CA ASP B 93 -36.66 0.29 22.94
C ASP B 93 -37.32 -0.98 23.48
N THR B 94 -38.63 -0.89 23.72
CA THR B 94 -39.43 -2.06 24.11
C THR B 94 -40.02 -2.70 22.86
N ALA B 95 -39.12 -3.14 21.98
CA ALA B 95 -39.48 -3.59 20.65
C ALA B 95 -39.16 -5.08 20.50
N VAL B 96 -39.48 -5.61 19.33
CA VAL B 96 -39.15 -6.99 18.97
C VAL B 96 -37.85 -6.97 18.19
N TYR B 97 -36.88 -7.78 18.62
CA TYR B 97 -35.53 -7.77 18.06
C TYR B 97 -35.37 -8.92 17.08
N TYR B 98 -34.91 -8.60 15.87
CA TYR B 98 -34.73 -9.57 14.80
C TYR B 98 -33.25 -9.76 14.51
N CYS B 99 -32.90 -11.00 14.17
CA CYS B 99 -31.54 -11.36 13.75
C CYS B 99 -31.57 -11.69 12.27
N ALA B 100 -30.70 -11.05 11.51
CA ALA B 100 -30.67 -11.20 10.06
C ALA B 100 -29.27 -11.61 9.62
N ALA B 101 -29.21 -12.42 8.55
CA ALA B 101 -27.96 -12.96 8.05
C ALA B 101 -27.86 -12.75 6.55
N ALA B 102 -26.66 -12.42 6.07
CA ALA B 102 -26.41 -12.24 4.65
C ALA B 102 -25.15 -12.99 4.26
N ARG B 103 -25.25 -13.83 3.23
CA ARG B 103 -24.08 -14.54 2.74
C ARG B 103 -23.05 -13.55 2.22
N ARG B 104 -21.78 -13.84 2.48
CA ARG B 104 -20.71 -12.97 2.01
C ARG B 104 -20.76 -12.85 0.49
N ARG B 105 -20.58 -11.63 -0.01
CA ARG B 105 -20.60 -11.37 -1.44
C ARG B 105 -20.16 -9.91 -1.65
N TRP B 106 -20.10 -9.52 -2.91
CA TRP B 106 -19.74 -8.16 -3.30
C TRP B 106 -21.00 -7.38 -3.62
N THR B 107 -21.28 -6.34 -2.85
CA THR B 107 -22.44 -5.50 -3.10
C THR B 107 -22.13 -4.09 -2.62
N PHE B 108 -22.87 -3.12 -3.16
CA PHE B 108 -22.77 -1.74 -2.75
C PHE B 108 -23.88 -1.32 -1.80
N LYS B 109 -24.82 -2.21 -1.51
CA LYS B 109 -25.92 -1.84 -0.62
C LYS B 109 -25.40 -1.69 0.80
N ALA B 110 -25.96 -0.70 1.51
CA ALA B 110 -25.47 -0.37 2.84
C ALA B 110 -25.67 -1.55 3.78
N THR B 111 -24.65 -1.81 4.60
CA THR B 111 -24.72 -2.91 5.56
C THR B 111 -25.67 -2.63 6.70
N ASN B 112 -26.16 -1.39 6.83
CA ASN B 112 -27.05 -0.90 7.91
C ASN B 112 -28.50 -0.79 7.46
N THR B 113 -28.92 -1.56 6.45
CA THR B 113 -30.29 -1.53 5.88
C THR B 113 -30.82 -2.95 5.80
N GLU B 114 -32.14 -3.15 5.82
CA GLU B 114 -32.76 -4.49 5.80
C GLU B 114 -32.55 -5.11 4.43
N GLU B 115 -32.44 -4.32 3.35
CA GLU B 115 -32.26 -4.86 1.97
C GLU B 115 -31.01 -5.74 1.90
N PHE B 116 -29.91 -5.35 2.51
CA PHE B 116 -28.64 -6.11 2.47
C PHE B 116 -28.93 -7.49 3.01
N TYR B 117 -29.66 -7.62 4.13
CA TYR B 117 -29.78 -8.94 4.73
C TYR B 117 -30.92 -9.71 4.08
N GLU B 118 -30.66 -10.98 3.76
CA GLU B 118 -31.57 -11.80 2.97
C GLU B 118 -32.32 -12.84 3.77
N THR B 119 -31.90 -13.12 5.01
CA THR B 119 -32.54 -14.13 5.85
C THR B 119 -32.81 -13.52 7.23
N TRP B 120 -34.05 -13.13 7.48
CA TRP B 120 -34.45 -12.60 8.78
C TRP B 120 -35.08 -13.72 9.59
N GLY B 121 -34.48 -14.02 10.74
CA GLY B 121 -35.10 -14.94 11.66
C GLY B 121 -36.15 -14.28 12.52
N GLN B 122 -37.02 -15.08 13.10
CA GLN B 122 -38.04 -14.55 13.99
C GLN B 122 -37.36 -13.83 15.15
N GLY B 123 -38.13 -12.95 15.79
CA GLY B 123 -37.57 -12.08 16.81
C GLY B 123 -38.11 -12.33 18.20
N THR B 124 -37.37 -11.86 19.21
CA THR B 124 -37.81 -11.95 20.60
C THR B 124 -38.76 -10.81 20.92
N GLN B 125 -39.18 -10.73 22.17
CA GLN B 125 -40.14 -9.73 22.63
C GLN B 125 -39.59 -9.02 23.85
N VAL B 126 -38.35 -8.53 23.76
CA VAL B 126 -37.73 -7.84 24.88
C VAL B 126 -38.59 -6.64 25.25
N THR B 127 -38.88 -6.49 26.53
CA THR B 127 -39.71 -5.40 27.04
C THR B 127 -39.04 -4.82 28.27
N VAL B 128 -39.53 -3.66 28.69
CA VAL B 128 -38.98 -2.97 29.85
C VAL B 128 -40.11 -2.40 30.68
C1 AXL C . 4.67 1.94 -0.50
O1 AXL C . 4.04 0.89 -0.49
C2 AXL C . 5.17 2.95 0.54
C3 AXL C . 5.96 3.56 -0.64
S4 AXL C . 7.71 3.13 -0.86
C5 AXL C . 7.41 1.81 -2.11
C51 AXL C . 8.47 1.90 -3.21
C52 AXL C . 7.47 0.44 -1.43
C6 AXL C . 5.99 2.11 -2.66
C61 AXL C . 6.04 3.05 -3.82
O62 AXL C . 5.54 2.67 -4.91
O63 AXL C . 6.57 4.17 -3.62
N7 AXL C . 5.23 2.65 -1.54
N8 AXL C . 5.93 2.36 1.64
C9 AXL C . 6.43 3.10 2.63
O91 AXL C . 6.28 4.32 2.70
C10 AXL C . 7.22 2.34 3.70
N11 AXL C . 8.21 3.29 4.26
C12 AXL C . 7.86 1.06 3.21
C13 AXL C . 8.78 1.08 2.19
C14 AXL C . 9.32 -0.10 1.68
C15 AXL C . 8.95 -1.32 2.23
C16 AXL C . 8.02 -1.35 3.27
C17 AXL C . 7.48 -0.17 3.75
O18 AXL C . 9.46 -2.48 1.73
HC2 AXL C . 4.45 3.50 0.88
HC3 AXL C . 5.77 4.51 -0.80
H511 AXL C . 9.33 1.55 -2.90
H512 AXL C . 8.23 1.36 -3.99
H513 AXL C . 8.64 2.81 -3.51
H521 AXL C . 8.35 0.26 -1.05
H522 AXL C . 6.82 0.35 -0.70
H523 AXL C . 7.28 -0.27 -2.07
HC6 AXL C . 5.54 1.28 -2.94
HN8 AXL C . 6.02 1.49 1.61
H10 AXL C . 6.61 2.13 4.44
H111 AXL C . 8.96 2.85 4.46
H112 AXL C . 8.45 3.86 3.64
H13 AXL C . 9.08 1.92 1.78
H14 AXL C . 9.97 -0.06 0.95
H16 AXL C . 7.75 -2.22 3.64
H17 AXL C . 6.84 -0.25 4.48
H18O AXL C . 10.00 -2.31 1.11
#